data_6EPL
#
_entry.id   6EPL
#
_cell.length_a   149.522
_cell.length_b   149.522
_cell.length_c   202.101
_cell.angle_alpha   90.00
_cell.angle_beta   90.00
_cell.angle_gamma   90.00
#
_symmetry.space_group_name_H-M   'I 4 2 2'
#
loop_
_entity.id
_entity.type
_entity.pdbx_description
1 polymer 'GTPase KRas'
2 polymer 'Son of sevenless homolog 1'
3 non-polymer GLYCEROL
4 water water
#
loop_
_entity_poly.entity_id
_entity_poly.type
_entity_poly.pdbx_seq_one_letter_code
_entity_poly.pdbx_strand_id
1 'polypeptide(L)'
;GMTEYKLVVVGACGVGKSALTIQLIQNHFVDEYDPTIEDSYRKQVVIDGETCLLDILDTAGQEEYSAMRDQYMRTGEGFL
CVFAINNTKSFEDIHHYREQIKRVKDSEDVPMVLVGNKSDLPSRTVESRQAQDLARSYGIPFIETSAKTRQGVDDAFYTL
VREIRKHKEK
;
R
2 'polypeptide(L)'
;GEEQMRLPSADVYRFAEPDSEENIIFEENMQPKAGIPIIKAGTVIKLIERLTYHMYADPNFVRTFLTTYRSFCKPQELLS
LIIERFEIPEPEPTEADRIAIENGDQPLSAELKRFRKEYIQPVQLRVLNVCRHWVEHHFYDFERDAYLLQRMEEFIGTVR
GKAMKKWVESITKIIQRKKIARDNGPGHNITFQSSPPTVEWHISRPGHIETFDLLTLHPIEIARQLTLLESDLYRAVQPS
ELVGSVWTKEDKEINSPNLLKMIRHTTNLTLWFEKCIVETENLEERVAVVSRIIEILQVFQELNNFNGVLEVVSAMNSSP
VYRLDHTFEQIPSRQKKILEEAHELSEDHYKKYLAKLRSINPPCVPFFGIYLTNILKTEEGNPEVLKRHGKELINFSKRR
KVAEITGEIQQYQNQPYCLRVESDIKRFFENLNPMGNSMEKEFTDYLFNKSLEIEPRNPKPLPRFPKKYSYPLKSPGVRP
SNPRPGT
;
S
#
loop_
_chem_comp.id
_chem_comp.type
_chem_comp.name
_chem_comp.formula
GOL non-polymer GLYCEROL 'C3 H8 O3'
#
# COMPACT_ATOMS: atom_id res chain seq x y z
N MET A 2 15.41 23.00 -19.98
CA MET A 2 14.42 21.96 -20.42
C MET A 2 13.16 22.00 -19.54
N THR A 3 12.03 22.32 -20.15
CA THR A 3 10.77 22.48 -19.44
C THR A 3 10.30 21.15 -18.85
N GLU A 4 9.79 21.21 -17.63
CA GLU A 4 9.29 20.04 -16.92
C GLU A 4 7.78 20.17 -16.75
N TYR A 5 7.05 19.09 -17.03
CA TYR A 5 5.60 19.07 -16.91
C TYR A 5 5.16 18.10 -15.81
N LYS A 6 4.61 18.64 -14.72
CA LYS A 6 4.09 17.85 -13.61
C LYS A 6 2.69 17.35 -13.96
N LEU A 7 2.58 16.08 -14.32
CA LEU A 7 1.30 15.48 -14.68
C LEU A 7 0.80 14.61 -13.53
N VAL A 8 -0.53 14.53 -13.40
CA VAL A 8 -1.18 13.77 -12.32
C VAL A 8 -2.30 12.90 -12.90
N VAL A 9 -2.25 11.60 -12.60
CA VAL A 9 -3.22 10.64 -13.08
C VAL A 9 -4.27 10.45 -11.99
N VAL A 10 -5.55 10.57 -12.35
CA VAL A 10 -6.66 10.36 -11.41
C VAL A 10 -7.70 9.44 -12.02
N GLY A 11 -8.49 8.81 -11.15
CA GLY A 11 -9.57 7.90 -11.54
C GLY A 11 -9.92 6.92 -10.43
N ALA A 12 -10.95 6.11 -10.65
CA ALA A 12 -11.32 5.04 -9.72
C ALA A 12 -10.30 3.90 -9.74
N CYS A 13 -10.32 3.03 -8.74
CA CYS A 13 -9.50 1.80 -8.78
C CYS A 13 -10.15 0.78 -9.70
N GLY A 14 -9.35 -0.20 -10.14
CA GLY A 14 -9.77 -1.18 -11.15
C GLY A 14 -9.97 -0.55 -12.53
N VAL A 15 -9.14 0.46 -12.83
CA VAL A 15 -9.22 1.25 -14.07
C VAL A 15 -8.01 1.06 -15.00
N GLY A 16 -6.87 0.62 -14.45
CA GLY A 16 -5.61 0.49 -15.17
C GLY A 16 -4.81 1.79 -15.21
N LYS A 17 -5.02 2.65 -14.22
CA LYS A 17 -4.22 3.88 -14.06
C LYS A 17 -2.72 3.58 -14.04
N SER A 18 -2.36 2.52 -13.34
CA SER A 18 -0.96 2.08 -13.20
C SER A 18 -0.39 1.64 -14.53
N ALA A 19 -1.13 0.80 -15.23
CA ALA A 19 -0.72 0.23 -16.52
C ALA A 19 -0.49 1.32 -17.56
N LEU A 20 -1.33 2.36 -17.53
CA LEU A 20 -1.19 3.49 -18.45
C LEU A 20 0.17 4.19 -18.25
N THR A 21 0.44 4.59 -17.01
CA THR A 21 1.67 5.28 -16.66
C THR A 21 2.88 4.37 -16.82
N ILE A 22 2.76 3.11 -16.43
CA ILE A 22 3.85 2.13 -16.57
C ILE A 22 4.23 1.96 -18.04
N GLN A 23 3.23 1.87 -18.92
CA GLN A 23 3.49 1.68 -20.35
C GLN A 23 4.08 2.90 -21.05
N LEU A 24 3.77 4.10 -20.57
CA LEU A 24 4.47 5.31 -21.03
C LEU A 24 5.96 5.24 -20.69
N ILE A 25 6.24 4.99 -19.42
CA ILE A 25 7.59 5.09 -18.85
C ILE A 25 8.51 4.00 -19.39
N GLN A 26 8.05 2.75 -19.31
CA GLN A 26 8.92 1.62 -19.63
C GLN A 26 9.20 1.56 -21.14
N ASN A 27 10.36 1.01 -21.47
CA ASN A 27 10.77 0.88 -22.86
C ASN A 27 9.78 -0.05 -23.57
N HIS A 28 9.58 0.22 -24.85
CA HIS A 28 8.51 -0.43 -25.62
C HIS A 28 8.58 -1.98 -25.66
N PHE A 29 9.78 -2.54 -25.47
CA PHE A 29 10.01 -4.00 -25.50
C PHE A 29 10.78 -4.54 -24.30
N VAL A 30 10.43 -4.06 -23.12
CA VAL A 30 10.89 -4.65 -21.86
C VAL A 30 9.73 -4.64 -20.86
N ASP A 31 9.19 -5.83 -20.57
CA ASP A 31 8.08 -5.99 -19.64
C ASP A 31 8.70 -6.13 -18.24
N GLU A 32 9.07 -4.98 -17.67
CA GLU A 32 9.77 -4.92 -16.40
C GLU A 32 9.61 -3.52 -15.79
N TYR A 33 9.61 -3.46 -14.46
CA TYR A 33 9.34 -2.21 -13.75
C TYR A 33 9.66 -2.33 -12.26
N ASP A 34 10.33 -1.32 -11.72
CA ASP A 34 10.53 -1.18 -10.29
C ASP A 34 10.09 0.23 -9.88
N PRO A 35 8.92 0.36 -9.20
CA PRO A 35 8.40 1.68 -8.84
C PRO A 35 9.16 2.43 -7.73
N THR A 36 10.15 1.78 -7.10
CA THR A 36 10.89 2.37 -5.99
C THR A 36 11.95 3.39 -6.45
N ILE A 37 12.59 3.14 -7.59
CA ILE A 37 13.63 4.06 -8.12
C ILE A 37 13.02 5.32 -8.76
N GLU A 38 13.87 6.32 -9.02
CA GLU A 38 13.43 7.65 -9.49
C GLU A 38 13.03 7.71 -10.98
N ASP A 39 13.70 6.92 -11.82
CA ASP A 39 13.33 6.78 -13.25
C ASP A 39 11.92 6.20 -13.50
N SER A 40 11.30 5.63 -12.46
CA SER A 40 9.93 5.11 -12.50
C SER A 40 8.86 6.11 -12.92
N TYR A 41 9.03 7.39 -12.55
CA TYR A 41 8.01 8.42 -12.80
C TYR A 41 8.53 9.64 -13.59
N ARG A 42 9.72 9.52 -14.19
CA ARG A 42 10.32 10.59 -14.99
C ARG A 42 10.71 10.08 -16.38
N LYS A 43 10.27 10.79 -17.42
CA LYS A 43 10.65 10.46 -18.80
C LYS A 43 10.93 11.72 -19.63
N GLN A 44 12.07 11.72 -20.31
CA GLN A 44 12.40 12.73 -21.29
C GLN A 44 11.76 12.35 -22.62
N VAL A 45 11.00 13.26 -23.21
CA VAL A 45 10.31 13.03 -24.47
C VAL A 45 10.43 14.23 -25.40
N VAL A 46 10.16 14.00 -26.69
CA VAL A 46 10.13 15.05 -27.70
C VAL A 46 8.71 15.14 -28.24
N ILE A 47 8.05 16.27 -28.01
CA ILE A 47 6.65 16.50 -28.41
C ILE A 47 6.59 17.73 -29.31
N ASP A 48 6.12 17.55 -30.54
CA ASP A 48 6.11 18.59 -31.58
C ASP A 48 7.49 19.25 -31.73
N GLY A 49 8.55 18.41 -31.69
CA GLY A 49 9.92 18.87 -31.85
C GLY A 49 10.47 19.75 -30.74
N GLU A 50 9.89 19.67 -29.54
CA GLU A 50 10.36 20.41 -28.39
C GLU A 50 10.58 19.43 -27.23
N THR A 51 11.83 19.24 -26.86
CA THR A 51 12.21 18.30 -25.81
C THR A 51 11.72 18.80 -24.46
N CYS A 52 11.20 17.87 -23.66
CA CYS A 52 10.70 18.20 -22.33
C CYS A 52 10.75 16.97 -21.40
N LEU A 53 10.62 17.26 -20.10
CA LEU A 53 10.67 16.24 -19.07
C LEU A 53 9.26 16.06 -18.49
N LEU A 54 8.74 14.83 -18.54
CA LEU A 54 7.45 14.51 -17.91
C LEU A 54 7.68 13.96 -16.52
N ASP A 55 6.99 14.53 -15.53
CA ASP A 55 6.95 14.01 -14.17
C ASP A 55 5.50 13.57 -13.91
N ILE A 56 5.28 12.25 -13.85
CA ILE A 56 3.94 11.70 -13.70
C ILE A 56 3.73 11.21 -12.26
N LEU A 57 2.70 11.75 -11.60
CA LEU A 57 2.24 11.23 -10.31
C LEU A 57 1.05 10.30 -10.55
N ASP A 58 1.22 9.05 -10.14
CA ASP A 58 0.14 8.07 -10.13
C ASP A 58 0.08 7.48 -8.74
N THR A 59 -1.00 7.76 -8.01
CA THR A 59 -1.17 7.28 -6.65
C THR A 59 -2.16 6.11 -6.58
N ALA A 60 -2.22 5.31 -7.65
CA ALA A 60 -3.07 4.12 -7.70
C ALA A 60 -2.77 3.21 -6.52
N GLY A 61 -3.82 2.68 -5.90
CA GLY A 61 -3.73 1.93 -4.66
C GLY A 61 -4.07 2.71 -3.41
N GLN A 62 -4.08 4.05 -3.48
CA GLN A 62 -4.37 4.92 -2.34
C GLN A 62 -5.75 5.59 -2.42
N GLU A 63 -6.68 4.97 -3.15
CA GLU A 63 -7.99 5.58 -3.42
C GLU A 63 -8.82 5.71 -2.15
N GLU A 64 -8.61 4.80 -1.20
CA GLU A 64 -9.30 4.83 0.09
C GLU A 64 -8.90 6.03 0.95
N TYR A 65 -7.67 6.53 0.77
CA TYR A 65 -7.25 7.78 1.42
C TYR A 65 -7.91 8.96 0.69
N SER A 66 -9.23 9.09 0.86
CA SER A 66 -10.03 10.02 0.04
C SER A 66 -9.76 11.49 0.37
N ALA A 67 -9.32 11.77 1.60
CA ALA A 67 -8.98 13.12 2.03
C ALA A 67 -7.58 13.58 1.58
N MET A 68 -6.79 12.69 0.97
CA MET A 68 -5.47 13.03 0.42
C MET A 68 -5.50 13.45 -1.05
N ARG A 69 -6.67 13.36 -1.70
CA ARG A 69 -6.75 13.68 -3.13
C ARG A 69 -6.41 15.14 -3.42
N ASP A 70 -6.94 16.07 -2.63
CA ASP A 70 -6.64 17.50 -2.79
C ASP A 70 -5.13 17.74 -2.75
N GLN A 71 -4.45 17.17 -1.75
CA GLN A 71 -3.00 17.31 -1.63
C GLN A 71 -2.27 16.82 -2.88
N TYR A 72 -2.56 15.60 -3.30
CA TYR A 72 -1.93 15.02 -4.49
C TYR A 72 -2.25 15.82 -5.75
N MET A 73 -3.52 16.18 -5.92
CA MET A 73 -3.95 16.97 -7.08
C MET A 73 -3.27 18.33 -7.20
N ARG A 74 -3.06 19.04 -6.08
CA ARG A 74 -2.46 20.38 -6.14
C ARG A 74 -1.03 20.39 -6.73
N THR A 75 -0.32 19.26 -6.66
CA THR A 75 1.02 19.15 -7.28
C THR A 75 1.03 19.22 -8.82
N GLY A 76 -0.13 19.01 -9.46
CA GLY A 76 -0.21 18.90 -10.92
C GLY A 76 -0.44 20.20 -11.69
N GLU A 77 0.15 20.29 -12.88
CA GLU A 77 -0.17 21.32 -13.89
C GLU A 77 -1.23 20.81 -14.87
N GLY A 78 -1.19 19.52 -15.18
CA GLY A 78 -2.15 18.88 -16.04
C GLY A 78 -2.58 17.53 -15.48
N PHE A 79 -3.76 17.07 -15.89
CA PHE A 79 -4.38 15.88 -15.29
C PHE A 79 -4.93 14.92 -16.33
N LEU A 80 -4.62 13.63 -16.18
CA LEU A 80 -5.25 12.57 -16.94
C LEU A 80 -6.37 11.98 -16.09
N CYS A 81 -7.62 12.21 -16.51
CA CYS A 81 -8.81 11.64 -15.87
C CYS A 81 -9.11 10.32 -16.54
N VAL A 82 -8.83 9.22 -15.84
CA VAL A 82 -8.90 7.87 -16.41
C VAL A 82 -10.15 7.12 -15.94
N PHE A 83 -10.82 6.46 -16.89
CA PHE A 83 -11.88 5.50 -16.60
C PHE A 83 -11.61 4.25 -17.41
N ALA A 84 -12.31 3.17 -17.07
CA ALA A 84 -12.19 1.89 -17.76
C ALA A 84 -13.42 1.72 -18.64
N ILE A 85 -13.20 1.35 -19.91
CA ILE A 85 -14.32 1.19 -20.86
C ILE A 85 -15.25 0.01 -20.54
N ASN A 86 -14.86 -0.87 -19.62
CA ASN A 86 -15.74 -1.93 -19.10
C ASN A 86 -16.34 -1.65 -17.70
N ASN A 87 -16.23 -0.41 -17.22
CA ASN A 87 -16.77 -0.02 -15.91
C ASN A 87 -17.49 1.33 -15.99
N THR A 88 -18.81 1.27 -16.17
CA THR A 88 -19.65 2.45 -16.30
C THR A 88 -19.57 3.41 -15.11
N LYS A 89 -19.52 2.86 -13.90
CA LYS A 89 -19.37 3.66 -12.68
C LYS A 89 -18.09 4.52 -12.73
N SER A 90 -16.98 3.95 -13.20
CA SER A 90 -15.72 4.70 -13.29
C SER A 90 -15.83 5.85 -14.28
N PHE A 91 -16.62 5.65 -15.33
CA PHE A 91 -16.92 6.70 -16.31
C PHE A 91 -17.81 7.78 -15.69
N GLU A 92 -18.85 7.37 -14.97
CA GLU A 92 -19.72 8.32 -14.26
C GLU A 92 -19.03 9.07 -13.12
N ASP A 93 -17.97 8.49 -12.55
CA ASP A 93 -17.15 9.17 -11.53
C ASP A 93 -16.32 10.34 -12.07
N ILE A 94 -15.98 10.35 -13.35
CA ILE A 94 -15.12 11.41 -13.94
C ILE A 94 -15.60 12.83 -13.63
N HIS A 95 -16.91 13.05 -13.62
CA HIS A 95 -17.47 14.37 -13.33
C HIS A 95 -16.99 14.91 -11.98
N HIS A 96 -16.98 14.05 -10.96
CA HIS A 96 -16.53 14.43 -9.62
C HIS A 96 -15.04 14.79 -9.59
N TYR A 97 -14.22 13.97 -10.25
CA TYR A 97 -12.78 14.20 -10.33
C TYR A 97 -12.43 15.55 -10.97
N ARG A 98 -13.05 15.87 -12.10
CA ARG A 98 -12.86 17.16 -12.75
C ARG A 98 -13.28 18.31 -11.84
N GLU A 99 -14.43 18.17 -11.17
CA GLU A 99 -14.96 19.21 -10.29
C GLU A 99 -14.03 19.45 -9.10
N GLN A 100 -13.45 18.37 -8.58
CA GLN A 100 -12.46 18.44 -7.51
C GLN A 100 -11.16 19.11 -7.99
N ILE A 101 -10.71 18.76 -9.21
CA ILE A 101 -9.50 19.38 -9.81
C ILE A 101 -9.68 20.89 -10.03
N LYS A 102 -10.83 21.28 -10.55
CA LYS A 102 -11.20 22.70 -10.72
C LYS A 102 -11.15 23.47 -9.39
N ARG A 103 -11.60 22.82 -8.31
CA ARG A 103 -11.60 23.42 -6.97
C ARG A 103 -10.20 23.54 -6.36
N VAL A 104 -9.38 22.49 -6.51
CA VAL A 104 -8.03 22.46 -5.95
C VAL A 104 -7.15 23.51 -6.61
N LYS A 105 -7.15 23.52 -7.95
CA LYS A 105 -6.38 24.48 -8.74
C LYS A 105 -7.02 25.89 -8.77
N ASP A 106 -8.28 26.00 -8.35
CA ASP A 106 -9.01 27.29 -8.29
C ASP A 106 -9.07 27.98 -9.66
N SER A 107 -9.48 27.20 -10.66
CA SER A 107 -9.53 27.64 -12.05
C SER A 107 -10.61 26.86 -12.79
N GLU A 108 -11.21 27.51 -13.78
CA GLU A 108 -12.29 26.92 -14.57
C GLU A 108 -11.70 26.12 -15.74
N ASP A 109 -10.60 26.60 -16.31
CA ASP A 109 -9.84 25.87 -17.34
C ASP A 109 -8.51 25.39 -16.76
N VAL A 110 -8.47 24.11 -16.40
CA VAL A 110 -7.25 23.42 -15.97
C VAL A 110 -6.89 22.47 -17.11
N PRO A 111 -5.60 22.42 -17.52
CA PRO A 111 -5.19 21.47 -18.57
C PRO A 111 -5.54 20.03 -18.21
N MET A 112 -6.29 19.35 -19.09
CA MET A 112 -6.96 18.11 -18.75
C MET A 112 -7.31 17.31 -19.99
N VAL A 113 -7.20 15.97 -19.91
CA VAL A 113 -7.66 15.07 -20.96
C VAL A 113 -8.43 13.91 -20.34
N LEU A 114 -9.44 13.43 -21.06
CA LEU A 114 -10.21 12.25 -20.68
C LEU A 114 -9.57 11.03 -21.34
N VAL A 115 -9.34 9.97 -20.56
CA VAL A 115 -8.70 8.76 -21.07
C VAL A 115 -9.54 7.52 -20.74
N GLY A 116 -9.97 6.80 -21.77
CA GLY A 116 -10.69 5.53 -21.60
C GLY A 116 -9.73 4.36 -21.84
N ASN A 117 -9.45 3.58 -20.80
CA ASN A 117 -8.48 2.50 -20.89
C ASN A 117 -9.16 1.14 -21.07
N LYS A 118 -8.67 0.36 -22.03
CA LYS A 118 -9.14 -0.99 -22.30
C LYS A 118 -8.07 -2.00 -21.87
N SER A 119 -8.35 -2.76 -20.82
CA SER A 119 -7.46 -3.85 -20.40
C SER A 119 -7.99 -5.15 -21.01
N ASP A 120 -8.63 -5.99 -20.20
CA ASP A 120 -9.14 -7.29 -20.65
C ASP A 120 -10.62 -7.38 -20.24
N LEU A 121 -11.22 -8.55 -20.41
CA LEU A 121 -12.65 -8.75 -20.10
C LEU A 121 -12.98 -8.35 -18.64
N PRO A 122 -14.21 -7.91 -18.32
CA PRO A 122 -15.40 -7.98 -19.21
C PRO A 122 -15.46 -7.01 -20.40
N SER A 123 -16.50 -7.19 -21.22
CA SER A 123 -16.67 -6.44 -22.46
C SER A 123 -17.00 -4.98 -22.20
N ARG A 124 -16.79 -4.17 -23.24
CA ARG A 124 -17.08 -2.74 -23.23
C ARG A 124 -18.52 -2.42 -22.82
N THR A 125 -18.66 -1.50 -21.86
CA THR A 125 -19.95 -0.92 -21.47
C THR A 125 -20.05 0.59 -21.76
N VAL A 126 -18.92 1.24 -22.04
CA VAL A 126 -18.89 2.66 -22.37
C VAL A 126 -18.42 2.81 -23.82
N GLU A 127 -19.36 3.10 -24.71
CA GLU A 127 -19.03 3.34 -26.14
C GLU A 127 -18.22 4.61 -26.28
N SER A 128 -17.34 4.64 -27.27
CA SER A 128 -16.47 5.81 -27.49
C SER A 128 -17.27 7.09 -27.70
N ARG A 129 -18.43 6.99 -28.36
CA ARG A 129 -19.32 8.13 -28.55
C ARG A 129 -19.72 8.78 -27.23
N GLN A 130 -20.03 7.98 -26.21
CA GLN A 130 -20.40 8.50 -24.90
C GLN A 130 -19.29 9.38 -24.33
N ALA A 131 -18.06 8.91 -24.47
CA ALA A 131 -16.88 9.61 -23.96
C ALA A 131 -16.54 10.84 -24.80
N GLN A 132 -16.61 10.73 -26.13
CA GLN A 132 -16.43 11.91 -27.01
C GLN A 132 -17.40 13.02 -26.63
N ASP A 133 -18.66 12.66 -26.37
CA ASP A 133 -19.70 13.62 -25.94
C ASP A 133 -19.38 14.26 -24.61
N LEU A 134 -19.00 13.45 -23.61
CA LEU A 134 -18.64 13.95 -22.30
C LEU A 134 -17.45 14.91 -22.40
N ALA A 135 -16.43 14.49 -23.14
CA ALA A 135 -15.22 15.29 -23.34
C ALA A 135 -15.53 16.63 -23.99
N ARG A 136 -16.46 16.61 -24.94
CA ARG A 136 -16.90 17.83 -25.63
C ARG A 136 -17.63 18.81 -24.69
N SER A 137 -18.45 18.28 -23.77
CA SER A 137 -19.15 19.13 -22.80
C SER A 137 -18.18 19.84 -21.83
N TYR A 138 -17.06 19.18 -21.51
CA TYR A 138 -16.00 19.78 -20.68
C TYR A 138 -15.00 20.63 -21.47
N GLY A 139 -15.02 20.53 -22.81
CA GLY A 139 -14.08 21.24 -23.67
C GLY A 139 -12.65 20.72 -23.59
N ILE A 140 -12.50 19.40 -23.55
CA ILE A 140 -11.20 18.74 -23.43
C ILE A 140 -11.07 17.53 -24.37
N PRO A 141 -9.84 17.09 -24.67
CA PRO A 141 -9.67 15.92 -25.54
C PRO A 141 -10.07 14.60 -24.93
N PHE A 142 -10.53 13.68 -25.77
CA PHE A 142 -10.72 12.28 -25.40
C PHE A 142 -9.68 11.43 -26.13
N ILE A 143 -9.02 10.53 -25.40
CA ILE A 143 -8.10 9.53 -25.98
C ILE A 143 -8.46 8.17 -25.40
N GLU A 144 -8.58 7.17 -26.28
CA GLU A 144 -8.83 5.79 -25.84
C GLU A 144 -7.54 4.99 -25.99
N THR A 145 -7.20 4.21 -24.97
CA THR A 145 -5.94 3.46 -24.90
C THR A 145 -6.17 1.99 -24.62
N SER A 146 -5.19 1.16 -24.98
CA SER A 146 -5.22 -0.27 -24.70
C SER A 146 -3.97 -0.67 -23.90
N ALA A 147 -4.20 -1.25 -22.72
CA ALA A 147 -3.13 -1.78 -21.85
C ALA A 147 -2.40 -2.98 -22.48
N LYS A 148 -3.14 -3.85 -23.14
CA LYS A 148 -2.58 -5.01 -23.83
C LYS A 148 -1.54 -4.62 -24.91
N THR A 149 -1.97 -3.77 -25.84
CA THR A 149 -1.21 -3.45 -27.06
C THR A 149 -0.35 -2.18 -27.02
N ARG A 150 -0.51 -1.38 -25.97
CA ARG A 150 0.20 -0.09 -25.85
C ARG A 150 -0.28 1.00 -26.84
N GLN A 151 -1.42 0.78 -27.50
CA GLN A 151 -2.01 1.75 -28.42
C GLN A 151 -2.65 2.89 -27.64
N GLY A 152 -2.40 4.13 -28.07
CA GLY A 152 -2.98 5.33 -27.44
C GLY A 152 -2.21 5.96 -26.28
N VAL A 153 -1.24 5.23 -25.72
CA VAL A 153 -0.58 5.64 -24.47
C VAL A 153 0.20 6.93 -24.66
N ASP A 154 1.10 6.97 -25.66
CA ASP A 154 1.83 8.19 -26.03
C ASP A 154 0.87 9.33 -26.35
N ASP A 155 -0.16 9.05 -27.15
CA ASP A 155 -1.12 10.07 -27.59
C ASP A 155 -1.82 10.73 -26.40
N ALA A 156 -2.12 9.96 -25.37
CA ALA A 156 -2.81 10.46 -24.18
C ALA A 156 -1.97 11.49 -23.43
N PHE A 157 -0.73 11.11 -23.10
CA PHE A 157 0.19 11.99 -22.39
C PHE A 157 0.63 13.20 -23.23
N TYR A 158 0.97 12.96 -24.48
CA TYR A 158 1.41 14.02 -25.40
C TYR A 158 0.32 15.06 -25.65
N THR A 159 -0.93 14.62 -25.73
CA THR A 159 -2.07 15.52 -25.86
C THR A 159 -2.21 16.42 -24.64
N LEU A 160 -2.04 15.85 -23.45
CA LEU A 160 -2.04 16.65 -22.22
C LEU A 160 -0.96 17.73 -22.24
N VAL A 161 0.25 17.36 -22.67
CA VAL A 161 1.34 18.32 -22.79
C VAL A 161 0.97 19.45 -23.76
N ARG A 162 0.31 19.11 -24.87
CA ARG A 162 -0.16 20.12 -25.83
C ARG A 162 -1.21 21.04 -25.20
N GLU A 163 -2.10 20.46 -24.39
CA GLU A 163 -3.10 21.26 -23.66
C GLU A 163 -2.46 22.22 -22.65
N ILE A 164 -1.36 21.81 -22.03
CA ILE A 164 -0.62 22.67 -21.10
C ILE A 164 0.05 23.83 -21.83
N ARG A 165 0.65 23.54 -22.98
CA ARG A 165 1.28 24.58 -23.82
C ARG A 165 0.26 25.59 -24.37
N LYS A 166 -0.88 25.08 -24.87
CA LYS A 166 -1.98 25.94 -25.33
C LYS A 166 -2.54 26.84 -24.23
N HIS A 167 -2.56 26.35 -23.00
CA HIS A 167 -3.01 27.10 -21.82
CA HIS A 167 -3.04 27.14 -21.86
C HIS A 167 -2.02 28.20 -21.43
N LYS A 168 -0.72 27.90 -21.54
CA LYS A 168 0.34 28.86 -21.15
C LYS A 168 0.55 30.05 -22.12
N GLU A 169 0.16 29.91 -23.39
CA GLU A 169 -0.02 31.11 -24.27
C GLU A 169 -1.43 31.69 -24.10
N LYS A 170 -2.41 31.19 -24.87
CA LYS A 170 -3.85 31.51 -24.72
C LYS A 170 -4.23 32.96 -25.06
N GLU B 3 30.25 -38.25 -10.10
CA GLU B 3 29.84 -38.39 -8.66
C GLU B 3 28.50 -37.67 -8.41
N GLN B 4 27.46 -38.12 -9.13
CA GLN B 4 26.09 -37.63 -8.96
C GLN B 4 25.20 -38.78 -8.47
N MET B 5 24.00 -38.46 -7.98
CA MET B 5 23.19 -39.42 -7.22
C MET B 5 22.47 -40.51 -8.01
N ARG B 6 22.10 -40.26 -9.27
CA ARG B 6 21.24 -41.15 -10.07
C ARG B 6 19.85 -41.26 -9.43
N LEU B 7 18.92 -40.45 -9.94
CA LEU B 7 17.56 -40.34 -9.41
C LEU B 7 16.68 -41.33 -10.16
N PRO B 8 15.40 -41.46 -9.76
CA PRO B 8 14.42 -42.19 -10.60
C PRO B 8 14.15 -41.49 -11.94
N SER B 9 13.45 -42.16 -12.84
CA SER B 9 13.07 -41.55 -14.11
C SER B 9 11.90 -40.61 -13.85
N ALA B 10 11.80 -39.56 -14.65
CA ALA B 10 10.73 -38.56 -14.54
C ALA B 10 9.33 -39.16 -14.71
N ASP B 11 9.25 -40.27 -15.46
CA ASP B 11 8.00 -41.02 -15.63
C ASP B 11 7.37 -41.42 -14.28
N VAL B 12 8.20 -41.85 -13.33
CA VAL B 12 7.73 -42.32 -12.01
C VAL B 12 7.74 -41.20 -10.97
N TYR B 13 8.75 -40.33 -11.00
CA TYR B 13 8.91 -39.25 -10.01
C TYR B 13 9.23 -37.91 -10.73
N ARG B 14 8.22 -37.05 -10.87
CA ARG B 14 8.30 -35.83 -11.70
C ARG B 14 9.48 -34.88 -11.42
N PHE B 15 9.92 -34.82 -10.17
CA PHE B 15 10.96 -33.87 -9.74
C PHE B 15 12.38 -34.26 -10.12
N ALA B 16 12.57 -35.49 -10.63
CA ALA B 16 13.87 -35.96 -11.12
C ALA B 16 14.24 -35.40 -12.50
N GLU B 17 13.27 -34.81 -13.20
CA GLU B 17 13.51 -34.11 -14.46
C GLU B 17 14.63 -33.09 -14.27
N PRO B 18 15.74 -33.19 -15.04
CA PRO B 18 16.87 -32.26 -14.83
C PRO B 18 16.56 -30.81 -15.20
N ASP B 19 17.37 -29.89 -14.66
CA ASP B 19 17.25 -28.47 -14.96
C ASP B 19 17.57 -28.21 -16.44
N SER B 20 16.85 -27.25 -17.03
CA SER B 20 17.17 -26.74 -18.38
C SER B 20 16.66 -25.31 -18.51
N GLU B 21 16.98 -24.68 -19.65
CA GLU B 21 16.48 -23.33 -19.96
C GLU B 21 14.94 -23.29 -20.07
N GLU B 22 14.34 -24.43 -20.41
CA GLU B 22 12.88 -24.56 -20.54
C GLU B 22 12.10 -24.65 -19.23
N ASN B 23 12.76 -24.93 -18.10
CA ASN B 23 12.04 -25.11 -16.82
C ASN B 23 12.50 -24.29 -15.60
N ILE B 24 13.73 -23.78 -15.62
CA ILE B 24 14.20 -22.91 -14.53
C ILE B 24 15.29 -21.95 -15.02
N ILE B 25 15.17 -20.69 -14.62
CA ILE B 25 16.18 -19.68 -14.91
C ILE B 25 16.48 -18.85 -13.67
N PHE B 26 17.66 -18.24 -13.66
CA PHE B 26 18.21 -17.57 -12.49
C PHE B 26 18.57 -16.13 -12.77
N GLU B 27 18.50 -15.30 -11.73
CA GLU B 27 19.11 -13.96 -11.74
C GLU B 27 20.63 -14.16 -11.71
N GLU B 28 21.37 -13.23 -12.31
CA GLU B 28 22.85 -13.33 -12.36
C GLU B 28 23.59 -13.23 -10.98
N ASN B 29 22.96 -12.61 -9.97
CA ASN B 29 23.57 -12.43 -8.63
C ASN B 29 23.17 -13.53 -7.63
N MET B 30 24.02 -13.75 -6.62
CA MET B 30 23.82 -14.80 -5.60
C MET B 30 23.18 -14.26 -4.32
N GLN B 31 22.50 -15.14 -3.57
CA GLN B 31 21.61 -14.72 -2.47
C GLN B 31 22.36 -14.03 -1.32
N PRO B 32 21.66 -13.13 -0.59
CA PRO B 32 22.30 -12.48 0.55
C PRO B 32 22.58 -13.45 1.70
N LYS B 33 23.75 -13.30 2.33
CA LYS B 33 24.19 -14.10 3.49
C LYS B 33 24.52 -15.59 3.24
N ALA B 34 24.00 -16.17 2.14
CA ALA B 34 23.88 -17.63 1.99
C ALA B 34 24.65 -18.28 0.83
N GLY B 35 24.96 -17.51 -0.23
CA GLY B 35 25.64 -18.07 -1.41
C GLY B 35 24.80 -19.02 -2.25
N ILE B 36 23.48 -18.85 -2.21
CA ILE B 36 22.52 -19.67 -2.93
C ILE B 36 22.09 -18.92 -4.21
N PRO B 37 21.84 -19.64 -5.32
CA PRO B 37 21.29 -18.97 -6.52
C PRO B 37 19.93 -18.28 -6.28
N ILE B 38 19.75 -17.10 -6.87
CA ILE B 38 18.47 -16.40 -6.80
C ILE B 38 17.61 -16.85 -7.96
N ILE B 39 16.48 -17.50 -7.67
CA ILE B 39 15.59 -18.02 -8.72
C ILE B 39 14.78 -16.87 -9.33
N LYS B 40 14.86 -16.75 -10.65
CA LYS B 40 14.13 -15.72 -11.40
C LYS B 40 12.75 -16.25 -11.80
N ALA B 41 12.74 -17.44 -12.37
CA ALA B 41 11.51 -18.04 -12.87
C ALA B 41 11.64 -19.55 -13.05
N GLY B 42 10.52 -20.25 -12.95
CA GLY B 42 10.47 -21.68 -13.24
C GLY B 42 9.08 -22.24 -13.31
N THR B 43 8.98 -23.52 -13.67
CA THR B 43 7.71 -24.24 -13.62
C THR B 43 7.38 -24.50 -12.15
N VAL B 44 6.11 -24.71 -11.84
CA VAL B 44 5.68 -24.96 -10.45
C VAL B 44 6.35 -26.22 -9.87
N ILE B 45 6.65 -27.21 -10.73
CA ILE B 45 7.39 -28.41 -10.33
C ILE B 45 8.83 -28.06 -9.89
N LYS B 46 9.48 -27.18 -10.64
CA LYS B 46 10.85 -26.74 -10.32
C LYS B 46 10.90 -25.81 -9.12
N LEU B 47 9.91 -24.92 -8.99
CA LEU B 47 9.82 -24.06 -7.81
C LEU B 47 9.65 -24.88 -6.55
N ILE B 48 8.86 -25.95 -6.62
CA ILE B 48 8.67 -26.84 -5.47
C ILE B 48 9.90 -27.72 -5.20
N GLU B 49 10.60 -28.15 -6.26
CA GLU B 49 11.88 -28.84 -6.10
C GLU B 49 12.84 -27.98 -5.27
N ARG B 50 13.00 -26.72 -5.66
CA ARG B 50 13.92 -25.80 -4.99
C ARG B 50 13.42 -25.32 -3.61
N LEU B 51 12.11 -25.30 -3.43
CA LEU B 51 11.49 -25.06 -2.11
C LEU B 51 11.85 -26.18 -1.11
N THR B 52 12.11 -27.37 -1.64
CA THR B 52 12.48 -28.55 -0.85
C THR B 52 13.77 -29.21 -1.37
N TYR B 53 14.80 -28.41 -1.62
CA TYR B 53 16.00 -28.86 -2.35
C TYR B 53 16.87 -29.76 -1.48
N HIS B 54 17.51 -30.75 -2.08
CA HIS B 54 18.30 -31.74 -1.32
C HIS B 54 19.67 -31.22 -0.85
N MET B 55 20.29 -30.34 -1.63
CA MET B 55 21.65 -29.86 -1.34
C MET B 55 21.74 -28.90 -0.15
N TYR B 56 20.72 -28.08 0.08
CA TYR B 56 20.72 -27.08 1.16
C TYR B 56 19.32 -26.58 1.50
N ALA B 57 19.19 -26.00 2.69
CA ALA B 57 17.98 -25.29 3.09
C ALA B 57 17.99 -23.90 2.49
N ASP B 58 16.80 -23.35 2.21
CA ASP B 58 16.65 -22.04 1.60
C ASP B 58 15.53 -21.26 2.31
N PRO B 59 15.80 -20.76 3.54
CA PRO B 59 14.78 -20.02 4.31
C PRO B 59 14.16 -18.83 3.59
N ASN B 60 14.98 -18.08 2.86
CA ASN B 60 14.49 -16.92 2.13
C ASN B 60 13.45 -17.28 1.09
N PHE B 61 13.77 -18.29 0.28
CA PHE B 61 12.86 -18.76 -0.75
C PHE B 61 11.56 -19.31 -0.15
N VAL B 62 11.66 -20.00 0.99
CA VAL B 62 10.49 -20.57 1.67
C VAL B 62 9.53 -19.46 2.12
N ARG B 63 10.06 -18.46 2.82
CA ARG B 63 9.26 -17.33 3.31
C ARG B 63 8.58 -16.58 2.17
N THR B 64 9.35 -16.30 1.13
CA THR B 64 8.87 -15.61 -0.06
C THR B 64 7.82 -16.43 -0.80
N PHE B 65 8.07 -17.74 -0.96
CA PHE B 65 7.13 -18.62 -1.65
C PHE B 65 5.79 -18.69 -0.91
N LEU B 66 5.82 -18.98 0.39
CA LEU B 66 4.58 -19.16 1.17
C LEU B 66 3.79 -17.86 1.38
N THR B 67 4.44 -16.71 1.25
CA THR B 67 3.78 -15.41 1.27
C THR B 67 3.04 -15.09 -0.03
N THR B 68 3.57 -15.58 -1.17
CA THR B 68 3.14 -15.12 -2.51
C THR B 68 2.62 -16.19 -3.49
N TYR B 69 2.58 -17.46 -3.11
CA TYR B 69 2.30 -18.55 -4.05
C TYR B 69 0.89 -18.55 -4.64
N ARG B 70 -0.07 -17.94 -3.93
CA ARG B 70 -1.49 -18.13 -4.22
C ARG B 70 -1.97 -17.58 -5.57
N SER B 71 -1.22 -16.63 -6.14
CA SER B 71 -1.48 -16.14 -7.51
C SER B 71 -1.25 -17.21 -8.60
N PHE B 72 -0.22 -18.06 -8.44
CA PHE B 72 0.13 -19.08 -9.45
C PHE B 72 -0.17 -20.55 -9.09
N CYS B 73 -0.58 -20.81 -7.84
CA CYS B 73 -0.82 -22.17 -7.36
C CYS B 73 -1.82 -22.15 -6.22
N LYS B 74 -2.82 -23.03 -6.27
CA LYS B 74 -3.84 -23.09 -5.22
C LYS B 74 -3.28 -23.82 -4.00
N PRO B 75 -3.77 -23.47 -2.79
CA PRO B 75 -3.35 -24.16 -1.56
C PRO B 75 -3.48 -25.70 -1.63
N GLN B 76 -4.61 -26.18 -2.14
CA GLN B 76 -4.82 -27.62 -2.32
C GLN B 76 -3.78 -28.23 -3.26
N GLU B 77 -3.46 -27.51 -4.33
CA GLU B 77 -2.43 -27.95 -5.29
C GLU B 77 -1.04 -28.01 -4.64
N LEU B 78 -0.70 -26.97 -3.87
CA LEU B 78 0.59 -26.91 -3.17
C LEU B 78 0.77 -28.12 -2.25
N LEU B 79 -0.26 -28.42 -1.46
CA LEU B 79 -0.22 -29.57 -0.56
C LEU B 79 -0.01 -30.88 -1.31
N SER B 80 -0.76 -31.07 -2.39
CA SER B 80 -0.62 -32.25 -3.25
C SER B 80 0.79 -32.41 -3.81
N LEU B 81 1.40 -31.28 -4.18
CA LEU B 81 2.75 -31.28 -4.75
C LEU B 81 3.82 -31.62 -3.73
N ILE B 82 3.74 -31.06 -2.51
CA ILE B 82 4.71 -31.42 -1.45
C ILE B 82 4.55 -32.86 -0.92
N ILE B 83 3.32 -33.39 -0.97
CA ILE B 83 3.09 -34.81 -0.65
C ILE B 83 3.69 -35.69 -1.74
N GLU B 84 3.49 -35.31 -2.99
CA GLU B 84 4.10 -35.98 -4.13
C GLU B 84 5.62 -35.93 -4.03
N ARG B 85 6.16 -34.75 -3.69
CA ARG B 85 7.60 -34.56 -3.46
C ARG B 85 8.12 -35.47 -2.34
N PHE B 86 7.36 -35.56 -1.24
CA PHE B 86 7.76 -36.37 -0.07
C PHE B 86 7.90 -37.86 -0.39
N GLU B 87 6.99 -38.38 -1.20
CA GLU B 87 6.91 -39.81 -1.50
C GLU B 87 7.84 -40.16 -2.67
N ILE B 88 9.12 -40.32 -2.33
CA ILE B 88 10.19 -40.56 -3.29
C ILE B 88 10.40 -42.06 -3.46
N PRO B 89 10.15 -42.59 -4.69
CA PRO B 89 10.51 -43.98 -4.94
C PRO B 89 12.00 -44.13 -5.17
N GLU B 90 12.53 -45.31 -4.90
CA GLU B 90 13.96 -45.60 -5.06
C GLU B 90 14.24 -45.94 -6.53
N PRO B 91 15.48 -45.71 -7.02
CA PRO B 91 15.80 -46.11 -8.40
C PRO B 91 15.72 -47.64 -8.60
N GLU B 92 15.26 -48.04 -9.78
CA GLU B 92 15.18 -49.47 -10.14
C GLU B 92 16.59 -50.04 -10.28
N PRO B 93 16.81 -51.32 -9.88
CA PRO B 93 18.13 -51.94 -10.05
C PRO B 93 18.60 -52.02 -11.52
N THR B 94 19.91 -51.92 -11.73
CA THR B 94 20.49 -51.95 -13.08
C THR B 94 20.49 -53.36 -13.68
N GLU B 95 21.24 -54.30 -13.07
CA GLU B 95 21.17 -55.73 -13.43
C GLU B 95 21.56 -56.71 -12.30
N ALA B 96 21.50 -56.27 -11.04
CA ALA B 96 22.06 -57.03 -9.91
C ALA B 96 21.49 -56.57 -8.56
N ASP B 97 22.10 -57.05 -7.46
CA ASP B 97 21.73 -56.67 -6.08
C ASP B 97 20.29 -57.06 -5.74
N SER B 109 22.46 -51.96 -2.20
CA SER B 109 23.10 -50.95 -1.36
C SER B 109 24.21 -50.19 -2.13
N ALA B 110 25.11 -49.52 -1.41
CA ALA B 110 26.21 -48.71 -1.97
C ALA B 110 25.73 -47.34 -2.51
N GLU B 111 25.08 -47.34 -3.68
CA GLU B 111 24.44 -46.13 -4.22
C GLU B 111 22.99 -46.00 -3.73
N LEU B 112 22.39 -47.13 -3.34
CA LEU B 112 21.03 -47.16 -2.79
C LEU B 112 20.99 -46.56 -1.39
N LYS B 113 21.98 -46.89 -0.55
CA LYS B 113 22.09 -46.32 0.80
C LYS B 113 22.50 -44.83 0.81
N ARG B 114 23.29 -44.42 -0.18
CA ARG B 114 23.66 -43.02 -0.38
C ARG B 114 22.44 -42.18 -0.77
N PHE B 115 21.62 -42.71 -1.67
CA PHE B 115 20.38 -42.08 -2.10
C PHE B 115 19.42 -41.82 -0.94
N ARG B 116 19.28 -42.80 -0.05
CA ARG B 116 18.48 -42.65 1.17
C ARG B 116 19.02 -41.56 2.10
N LYS B 117 20.34 -41.49 2.21
CA LYS B 117 21.01 -40.57 3.12
C LYS B 117 21.06 -39.13 2.58
N GLU B 118 21.35 -38.98 1.29
CA GLU B 118 21.60 -37.65 0.69
C GLU B 118 20.47 -37.09 -0.20
N TYR B 119 19.52 -37.92 -0.64
CA TYR B 119 18.36 -37.43 -1.40
C TYR B 119 17.05 -37.53 -0.61
N ILE B 120 16.66 -38.74 -0.21
CA ILE B 120 15.36 -38.96 0.43
C ILE B 120 15.24 -38.20 1.75
N GLN B 121 16.14 -38.48 2.68
CA GLN B 121 16.02 -37.95 4.04
C GLN B 121 16.04 -36.41 4.11
N PRO B 122 16.99 -35.75 3.41
CA PRO B 122 16.98 -34.28 3.37
C PRO B 122 15.71 -33.68 2.77
N VAL B 123 15.25 -34.22 1.64
CA VAL B 123 14.06 -33.71 0.96
C VAL B 123 12.82 -33.84 1.83
N GLN B 124 12.67 -35.00 2.47
CA GLN B 124 11.56 -35.22 3.40
C GLN B 124 11.56 -34.19 4.55
N LEU B 125 12.73 -33.92 5.12
CA LEU B 125 12.85 -32.87 6.14
C LEU B 125 12.49 -31.48 5.63
N ARG B 126 12.89 -31.18 4.40
CA ARG B 126 12.57 -29.87 3.79
CA ARG B 126 12.57 -29.88 3.81
C ARG B 126 11.06 -29.74 3.59
N VAL B 127 10.40 -30.84 3.21
CA VAL B 127 8.94 -30.87 3.08
C VAL B 127 8.27 -30.60 4.43
N LEU B 128 8.77 -31.25 5.47
CA LEU B 128 8.27 -31.00 6.83
C LEU B 128 8.49 -29.56 7.29
N ASN B 129 9.63 -28.96 6.92
CA ASN B 129 9.88 -27.55 7.20
C ASN B 129 8.89 -26.61 6.51
N VAL B 130 8.52 -26.95 5.27
CA VAL B 130 7.52 -26.17 4.53
C VAL B 130 6.17 -26.22 5.26
N CYS B 131 5.76 -27.41 5.69
CA CYS B 131 4.53 -27.59 6.45
C CYS B 131 4.53 -26.80 7.76
N ARG B 132 5.65 -26.89 8.50
CA ARG B 132 5.85 -26.12 9.74
C ARG B 132 5.68 -24.62 9.51
N HIS B 133 6.39 -24.10 8.52
CA HIS B 133 6.36 -22.67 8.17
C HIS B 133 4.96 -22.25 7.69
N TRP B 134 4.32 -23.12 6.91
CA TRP B 134 2.98 -22.88 6.35
C TRP B 134 1.97 -22.75 7.49
N VAL B 135 1.96 -23.75 8.36
CA VAL B 135 1.06 -23.82 9.51
C VAL B 135 1.33 -22.69 10.53
N GLU B 136 2.60 -22.33 10.73
CA GLU B 136 2.98 -21.29 11.68
C GLU B 136 2.59 -19.90 11.19
N HIS B 137 3.03 -19.55 9.98
CA HIS B 137 2.95 -18.17 9.48
C HIS B 137 1.80 -17.85 8.52
N HIS B 138 1.18 -18.87 7.94
CA HIS B 138 0.08 -18.66 6.97
C HIS B 138 -1.09 -19.61 7.27
N PHE B 139 -1.51 -19.63 8.53
CA PHE B 139 -2.57 -20.53 8.97
C PHE B 139 -3.94 -20.16 8.41
N TYR B 140 -4.11 -18.90 8.00
CA TYR B 140 -5.34 -18.45 7.31
C TYR B 140 -5.78 -19.32 6.12
N ASP B 141 -4.83 -19.95 5.42
CA ASP B 141 -5.17 -20.93 4.36
C ASP B 141 -6.03 -22.05 4.90
N PHE B 142 -5.65 -22.56 6.08
CA PHE B 142 -6.33 -23.68 6.72
C PHE B 142 -7.66 -23.28 7.35
N GLU B 143 -7.75 -22.05 7.87
CA GLU B 143 -8.98 -21.52 8.45
C GLU B 143 -10.11 -21.37 7.40
N ARG B 144 -9.70 -21.02 6.18
CA ARG B 144 -10.64 -20.78 5.07
C ARG B 144 -10.97 -22.03 4.27
N ASP B 145 -10.22 -23.11 4.49
CA ASP B 145 -10.42 -24.38 3.80
C ASP B 145 -10.13 -25.49 4.80
N ALA B 146 -11.16 -25.90 5.53
CA ALA B 146 -11.04 -26.94 6.56
C ALA B 146 -10.56 -28.28 6.00
N TYR B 147 -10.88 -28.58 4.74
CA TYR B 147 -10.42 -29.80 4.10
C TYR B 147 -8.89 -29.78 3.92
N LEU B 148 -8.33 -28.61 3.63
CA LEU B 148 -6.87 -28.45 3.56
C LEU B 148 -6.21 -28.90 4.86
N LEU B 149 -6.79 -28.50 5.99
CA LEU B 149 -6.30 -28.92 7.29
C LEU B 149 -6.48 -30.42 7.55
N GLN B 150 -7.58 -31.00 7.05
CA GLN B 150 -7.80 -32.45 7.12
C GLN B 150 -6.68 -33.21 6.39
N ARG B 151 -6.41 -32.80 5.16
CA ARG B 151 -5.37 -33.43 4.34
C ARG B 151 -3.98 -33.30 4.95
N MET B 152 -3.70 -32.14 5.55
CA MET B 152 -2.43 -31.91 6.24
C MET B 152 -2.27 -32.86 7.45
N GLU B 153 -3.32 -32.99 8.25
CA GLU B 153 -3.25 -33.81 9.47
C GLU B 153 -3.12 -35.30 9.19
N GLU B 154 -3.85 -35.79 8.18
CA GLU B 154 -3.75 -37.21 7.79
CA GLU B 154 -3.76 -37.21 7.76
C GLU B 154 -2.41 -37.50 7.10
N PHE B 155 -1.86 -36.50 6.42
CA PHE B 155 -0.50 -36.61 5.85
C PHE B 155 0.57 -36.65 6.95
N ILE B 156 0.50 -35.68 7.87
CA ILE B 156 1.46 -35.61 8.99
C ILE B 156 1.39 -36.86 9.88
N GLY B 157 0.20 -37.41 10.06
CA GLY B 157 0.01 -38.70 10.74
C GLY B 157 0.55 -39.91 9.97
N THR B 158 0.75 -39.76 8.67
CA THR B 158 1.31 -40.80 7.79
C THR B 158 2.85 -40.95 7.91
N VAL B 159 3.53 -39.92 8.44
CA VAL B 159 5.00 -39.87 8.44
C VAL B 159 5.56 -40.74 9.58
N ARG B 160 6.39 -41.73 9.24
CA ARG B 160 6.87 -42.76 10.18
C ARG B 160 8.33 -42.64 10.64
N GLY B 161 9.21 -42.09 9.82
CA GLY B 161 10.65 -42.04 10.11
C GLY B 161 11.00 -41.64 11.54
N LYS B 162 11.95 -42.34 12.14
CA LYS B 162 12.43 -42.01 13.51
C LYS B 162 13.11 -40.63 13.58
N ALA B 163 13.83 -40.26 12.52
CA ALA B 163 14.41 -38.91 12.40
C ALA B 163 13.35 -37.83 12.18
N MET B 164 12.26 -38.19 11.53
CA MET B 164 11.13 -37.28 11.26
C MET B 164 10.29 -36.96 12.51
N LYS B 165 10.30 -37.87 13.50
CA LYS B 165 9.37 -37.83 14.64
C LYS B 165 9.23 -36.46 15.32
N LYS B 166 10.35 -35.89 15.76
CA LYS B 166 10.33 -34.59 16.48
C LYS B 166 9.84 -33.40 15.65
N TRP B 167 10.06 -33.43 14.32
CA TRP B 167 9.57 -32.37 13.43
C TRP B 167 8.07 -32.52 13.20
N VAL B 168 7.62 -33.77 13.05
CA VAL B 168 6.20 -34.11 12.96
C VAL B 168 5.45 -33.68 14.22
N GLU B 169 5.97 -34.05 15.38
CA GLU B 169 5.34 -33.71 16.66
C GLU B 169 5.29 -32.20 16.93
N SER B 170 6.28 -31.47 16.44
CA SER B 170 6.30 -30.01 16.54
C SER B 170 5.24 -29.35 15.64
N ILE B 171 5.03 -29.90 14.45
CA ILE B 171 4.00 -29.43 13.52
C ILE B 171 2.60 -29.63 14.13
N THR B 172 2.37 -30.82 14.70
CA THR B 172 1.12 -31.12 15.42
C THR B 172 0.87 -30.12 16.56
N LYS B 173 1.90 -29.86 17.37
CA LYS B 173 1.83 -28.85 18.44
C LYS B 173 1.36 -27.49 17.95
N ILE B 174 1.90 -27.03 16.82
CA ILE B 174 1.54 -25.73 16.25
C ILE B 174 0.08 -25.73 15.75
N ILE B 175 -0.35 -26.83 15.14
CA ILE B 175 -1.74 -26.96 14.68
C ILE B 175 -2.73 -26.79 15.84
N GLN B 176 -2.47 -27.48 16.96
CA GLN B 176 -3.35 -27.39 18.15
C GLN B 176 -3.37 -25.99 18.76
N ARG B 177 -2.21 -25.34 18.81
CA ARG B 177 -2.11 -23.95 19.30
C ARG B 177 -2.93 -22.99 18.43
N LYS B 178 -2.84 -23.15 17.10
CA LYS B 178 -3.54 -22.26 16.16
C LYS B 178 -5.07 -22.45 16.15
N LYS B 179 -5.54 -23.67 16.45
CA LYS B 179 -6.99 -23.92 16.55
C LYS B 179 -7.72 -23.18 17.70
N ILE B 180 -7.00 -22.52 18.60
CA ILE B 180 -7.61 -21.64 19.62
C ILE B 180 -7.04 -20.22 19.49
N ALA B 181 -7.92 -19.25 19.21
CA ALA B 181 -7.52 -17.86 19.03
C ALA B 181 -7.21 -17.17 20.36
N THR B 191 2.26 -5.05 29.03
CA THR B 191 3.11 -4.57 30.10
C THR B 191 4.42 -3.96 29.55
N PHE B 192 4.86 -2.87 30.19
CA PHE B 192 5.93 -2.01 29.65
C PHE B 192 7.32 -2.46 30.11
N GLN B 193 8.35 -2.11 29.32
CA GLN B 193 9.75 -2.46 29.64
C GLN B 193 10.36 -1.46 30.64
N SER B 194 10.35 -0.19 30.26
CA SER B 194 10.65 0.92 31.18
C SER B 194 9.35 1.66 31.50
N SER B 195 9.41 2.64 32.41
CA SER B 195 8.21 3.36 32.84
C SER B 195 7.74 4.36 31.77
N PRO B 196 6.45 4.30 31.37
CA PRO B 196 5.94 5.27 30.42
C PRO B 196 5.76 6.64 31.09
N PRO B 197 5.72 7.72 30.29
CA PRO B 197 5.55 9.04 30.88
C PRO B 197 4.15 9.25 31.44
N THR B 198 4.04 10.21 32.37
CA THR B 198 2.77 10.55 32.98
C THR B 198 1.80 11.11 31.92
N VAL B 199 0.53 10.75 32.05
CA VAL B 199 -0.52 11.23 31.16
C VAL B 199 -0.78 12.71 31.44
N GLU B 200 -0.94 13.49 30.37
CA GLU B 200 -1.10 14.95 30.43
C GLU B 200 -2.57 15.35 30.28
N TRP B 201 -3.01 16.26 31.16
CA TRP B 201 -4.36 16.82 31.13
C TRP B 201 -4.27 18.33 31.06
N HIS B 202 -5.20 18.94 30.32
CA HIS B 202 -5.27 20.40 30.16
C HIS B 202 -6.56 20.91 30.84
N ILE B 203 -7.62 21.22 30.09
CA ILE B 203 -8.84 21.81 30.68
C ILE B 203 -9.82 20.72 31.09
N SER B 204 -10.04 19.73 30.23
CA SER B 204 -10.90 18.60 30.55
C SER B 204 -10.24 17.75 31.65
N ARG B 205 -10.97 17.49 32.72
CA ARG B 205 -10.46 16.67 33.81
C ARG B 205 -10.65 15.19 33.48
N PRO B 206 -9.86 14.30 34.12
CA PRO B 206 -10.08 12.86 33.92
C PRO B 206 -11.50 12.45 34.33
N GLY B 207 -12.13 11.60 33.51
CA GLY B 207 -13.50 11.17 33.75
C GLY B 207 -14.57 11.96 33.02
N HIS B 208 -14.34 13.25 32.79
CA HIS B 208 -15.33 14.13 32.16
C HIS B 208 -15.24 14.09 30.62
N ILE B 209 -15.67 12.98 30.03
CA ILE B 209 -15.66 12.81 28.57
C ILE B 209 -16.60 13.80 27.84
N GLU B 210 -17.62 14.32 28.53
CA GLU B 210 -18.55 15.29 27.93
C GLU B 210 -17.89 16.59 27.42
N THR B 211 -16.81 17.03 28.06
CA THR B 211 -16.09 18.26 27.67
C THR B 211 -14.93 18.05 26.69
N PHE B 212 -14.52 16.80 26.47
CA PHE B 212 -13.38 16.47 25.58
C PHE B 212 -13.56 17.12 24.21
N ASP B 213 -12.54 17.82 23.75
CA ASP B 213 -12.53 18.41 22.39
C ASP B 213 -11.08 18.65 21.98
N LEU B 214 -10.87 19.21 20.80
CA LEU B 214 -9.53 19.53 20.28
C LEU B 214 -8.71 20.41 21.23
N LEU B 215 -9.33 21.47 21.71
CA LEU B 215 -8.65 22.48 22.53
C LEU B 215 -8.64 22.19 24.02
N THR B 216 -9.53 21.32 24.50
CA THR B 216 -9.66 21.05 25.95
C THR B 216 -8.83 19.87 26.44
N LEU B 217 -8.56 18.91 25.56
CA LEU B 217 -7.56 17.87 25.83
C LEU B 217 -6.17 18.46 25.64
N HIS B 218 -5.18 17.86 26.31
CA HIS B 218 -3.81 18.31 26.19
C HIS B 218 -3.28 17.86 24.83
N PRO B 219 -2.66 18.77 24.06
CA PRO B 219 -2.17 18.38 22.72
C PRO B 219 -1.16 17.23 22.71
N ILE B 220 -0.29 17.16 23.73
CA ILE B 220 0.63 16.02 23.89
C ILE B 220 -0.16 14.72 23.93
N GLU B 221 -1.19 14.67 24.77
CA GLU B 221 -1.96 13.44 24.99
C GLU B 221 -2.87 13.09 23.81
N ILE B 222 -3.34 14.09 23.07
CA ILE B 222 -4.06 13.82 21.82
C ILE B 222 -3.15 13.02 20.89
N ALA B 223 -1.92 13.52 20.72
CA ALA B 223 -0.95 12.90 19.84
C ALA B 223 -0.53 11.51 20.29
N ARG B 224 -0.35 11.34 21.60
CA ARG B 224 0.03 10.03 22.18
C ARG B 224 -1.04 8.97 21.96
N GLN B 225 -2.30 9.34 22.24
CA GLN B 225 -3.42 8.41 22.17
C GLN B 225 -3.81 8.09 20.73
N LEU B 226 -3.67 9.06 19.82
CA LEU B 226 -3.80 8.80 18.39
C LEU B 226 -2.66 7.95 17.85
N THR B 227 -1.45 8.11 18.39
CA THR B 227 -0.30 7.29 18.02
C THR B 227 -0.50 5.84 18.47
N LEU B 228 -1.06 5.64 19.66
CA LEU B 228 -1.40 4.28 20.13
C LEU B 228 -2.46 3.61 19.25
N LEU B 229 -3.54 4.32 18.95
CA LEU B 229 -4.58 3.81 18.04
C LEU B 229 -4.02 3.46 16.67
N GLU B 230 -3.28 4.40 16.09
CA GLU B 230 -2.75 4.25 14.75
C GLU B 230 -1.62 3.22 14.67
N SER B 231 -0.85 3.07 15.75
CA SER B 231 0.15 2.01 15.87
C SER B 231 -0.51 0.63 15.86
N ASP B 232 -1.56 0.46 16.66
CA ASP B 232 -2.32 -0.81 16.69
C ASP B 232 -2.94 -1.14 15.33
N LEU B 233 -3.59 -0.15 14.73
CA LEU B 233 -4.16 -0.29 13.37
C LEU B 233 -3.09 -0.72 12.36
N TYR B 234 -1.92 -0.08 12.42
CA TYR B 234 -0.81 -0.44 11.53
C TYR B 234 -0.37 -1.88 11.74
N ARG B 235 -0.22 -2.27 13.00
CA ARG B 235 0.31 -3.58 13.36
C ARG B 235 -0.63 -4.76 13.06
N ALA B 236 -1.92 -4.50 12.94
CA ALA B 236 -2.89 -5.55 12.64
C ALA B 236 -2.91 -5.99 11.15
N VAL B 237 -2.39 -5.16 10.24
CA VAL B 237 -2.49 -5.44 8.80
C VAL B 237 -1.49 -6.54 8.41
N GLN B 238 -2.01 -7.60 7.78
CA GLN B 238 -1.20 -8.77 7.39
C GLN B 238 -0.90 -8.79 5.90
N PRO B 239 0.18 -9.49 5.49
CA PRO B 239 0.49 -9.68 4.06
C PRO B 239 -0.65 -10.25 3.23
N SER B 240 -1.49 -11.10 3.81
CA SER B 240 -2.67 -11.66 3.13
C SER B 240 -3.68 -10.61 2.67
N GLU B 241 -3.68 -9.43 3.30
CA GLU B 241 -4.51 -8.29 2.89
C GLU B 241 -3.91 -7.46 1.74
N LEU B 242 -2.64 -7.72 1.42
CA LEU B 242 -1.86 -6.89 0.50
C LEU B 242 -1.45 -7.62 -0.79
N VAL B 243 -1.01 -8.87 -0.66
CA VAL B 243 -0.52 -9.64 -1.80
C VAL B 243 -1.66 -9.91 -2.79
N GLY B 244 -1.36 -9.79 -4.08
CA GLY B 244 -2.36 -9.90 -5.13
C GLY B 244 -3.19 -8.63 -5.29
N SER B 245 -2.75 -7.54 -4.65
CA SER B 245 -3.43 -6.24 -4.70
C SER B 245 -4.92 -6.30 -4.30
N VAL B 246 -5.22 -7.16 -3.32
CA VAL B 246 -6.63 -7.52 -3.04
C VAL B 246 -7.47 -6.43 -2.37
N TRP B 247 -6.82 -5.43 -1.77
CA TRP B 247 -7.52 -4.26 -1.21
C TRP B 247 -8.18 -3.33 -2.28
N THR B 248 -7.83 -3.52 -3.55
CA THR B 248 -8.42 -2.77 -4.68
C THR B 248 -9.52 -3.52 -5.43
N LYS B 249 -9.71 -4.80 -5.13
CA LYS B 249 -10.66 -5.65 -5.87
C LYS B 249 -12.03 -5.66 -5.18
N GLU B 250 -13.00 -6.29 -5.83
CA GLU B 250 -14.40 -6.27 -5.35
C GLU B 250 -14.63 -6.88 -3.96
N ASP B 251 -13.77 -7.81 -3.54
CA ASP B 251 -13.84 -8.43 -2.21
C ASP B 251 -12.91 -7.78 -1.18
N LYS B 252 -12.65 -6.49 -1.31
CA LYS B 252 -11.72 -5.80 -0.42
C LYS B 252 -12.15 -5.82 1.05
N GLU B 253 -13.46 -5.71 1.30
CA GLU B 253 -13.99 -5.78 2.68
C GLU B 253 -13.83 -7.16 3.31
N ILE B 254 -13.87 -8.20 2.48
CA ILE B 254 -13.64 -9.57 2.92
C ILE B 254 -12.15 -9.82 3.15
N ASN B 255 -11.31 -9.39 2.21
CA ASN B 255 -9.88 -9.75 2.18
C ASN B 255 -8.94 -8.79 2.88
N SER B 256 -9.32 -7.52 3.04
CA SER B 256 -8.43 -6.52 3.62
C SER B 256 -9.11 -5.64 4.68
N PRO B 257 -9.84 -6.26 5.63
CA PRO B 257 -10.61 -5.47 6.61
C PRO B 257 -9.77 -4.57 7.54
N ASN B 258 -8.60 -5.05 7.96
CA ASN B 258 -7.75 -4.29 8.90
C ASN B 258 -7.04 -3.12 8.23
N LEU B 259 -6.64 -3.29 6.96
CA LEU B 259 -6.10 -2.18 6.16
C LEU B 259 -7.15 -1.09 5.99
N LEU B 260 -8.33 -1.49 5.57
CA LEU B 260 -9.44 -0.55 5.37
C LEU B 260 -9.85 0.17 6.65
N LYS B 261 -9.85 -0.54 7.78
CA LYS B 261 -10.12 0.10 9.08
C LYS B 261 -9.05 1.14 9.39
N MET B 262 -7.79 0.80 9.11
CA MET B 262 -6.67 1.72 9.32
C MET B 262 -6.83 2.98 8.48
N ILE B 263 -7.18 2.82 7.20
CA ILE B 263 -7.30 3.97 6.30
C ILE B 263 -8.51 4.83 6.66
N ARG B 264 -9.61 4.19 7.03
CA ARG B 264 -10.83 4.92 7.39
CA ARG B 264 -10.85 4.89 7.41
C ARG B 264 -10.64 5.80 8.62
N HIS B 265 -9.85 5.33 9.58
CA HIS B 265 -9.46 6.14 10.75
C HIS B 265 -8.64 7.38 10.33
N THR B 266 -7.63 7.15 9.49
CA THR B 266 -6.76 8.23 8.99
C THR B 266 -7.57 9.31 8.29
N THR B 267 -8.45 8.87 7.39
CA THR B 267 -9.37 9.76 6.69
C THR B 267 -10.28 10.48 7.68
N ASN B 268 -10.82 9.74 8.65
CA ASN B 268 -11.71 10.28 9.68
C ASN B 268 -11.09 11.48 10.38
N LEU B 269 -9.83 11.33 10.80
CA LEU B 269 -9.14 12.36 11.56
C LEU B 269 -8.71 13.55 10.74
N THR B 270 -8.27 13.31 9.50
CA THR B 270 -8.03 14.40 8.56
C THR B 270 -9.29 15.26 8.45
N LEU B 271 -10.42 14.61 8.18
CA LEU B 271 -11.73 15.30 8.08
C LEU B 271 -12.12 16.01 9.37
N TRP B 272 -11.86 15.39 10.52
CA TRP B 272 -12.13 16.04 11.82
C TRP B 272 -11.28 17.31 12.00
N PHE B 273 -10.00 17.25 11.64
CA PHE B 273 -9.14 18.44 11.68
C PHE B 273 -9.69 19.55 10.78
N GLU B 274 -10.07 19.20 9.56
CA GLU B 274 -10.66 20.16 8.62
C GLU B 274 -11.93 20.78 9.21
N LYS B 275 -12.75 19.94 9.83
CA LYS B 275 -14.04 20.35 10.39
C LYS B 275 -13.87 21.33 11.55
N CYS B 276 -12.98 20.97 12.48
CA CYS B 276 -12.63 21.83 13.61
C CYS B 276 -12.22 23.22 13.12
N ILE B 277 -11.40 23.27 12.07
CA ILE B 277 -10.89 24.54 11.54
C ILE B 277 -12.02 25.37 10.96
N VAL B 278 -12.71 24.84 9.95
CA VAL B 278 -13.72 25.62 9.22
C VAL B 278 -15.01 25.93 10.01
N GLU B 279 -15.36 25.13 11.01
CA GLU B 279 -16.50 25.44 11.89
C GLU B 279 -16.18 26.43 13.02
N THR B 280 -14.90 26.70 13.25
CA THR B 280 -14.48 27.76 14.16
C THR B 280 -14.46 29.06 13.35
N GLU B 281 -15.57 29.81 13.43
CA GLU B 281 -15.83 30.91 12.49
C GLU B 281 -15.12 32.20 12.89
N ASN B 282 -15.01 32.44 14.18
CA ASN B 282 -14.20 33.54 14.71
C ASN B 282 -12.72 33.34 14.34
N LEU B 283 -12.11 34.36 13.74
CA LEU B 283 -10.73 34.28 13.24
C LEU B 283 -9.70 33.96 14.32
N GLU B 284 -9.72 34.70 15.42
CA GLU B 284 -8.81 34.49 16.56
C GLU B 284 -8.87 33.05 17.09
N GLU B 285 -10.09 32.52 17.21
CA GLU B 285 -10.27 31.13 17.63
C GLU B 285 -9.81 30.11 16.59
N ARG B 286 -9.96 30.43 15.30
CA ARG B 286 -9.49 29.55 14.23
C ARG B 286 -7.96 29.49 14.14
N VAL B 287 -7.31 30.60 14.49
CA VAL B 287 -5.84 30.65 14.60
C VAL B 287 -5.39 29.73 15.74
N ALA B 288 -6.09 29.81 16.88
CA ALA B 288 -5.83 28.91 18.01
C ALA B 288 -6.03 27.43 17.65
N VAL B 289 -7.07 27.13 16.86
CA VAL B 289 -7.36 25.76 16.42
C VAL B 289 -6.25 25.23 15.51
N VAL B 290 -5.85 26.03 14.52
CA VAL B 290 -4.79 25.63 13.58
C VAL B 290 -3.44 25.48 14.33
N SER B 291 -3.13 26.43 15.21
CA SER B 291 -1.92 26.35 16.04
C SER B 291 -1.84 25.03 16.81
N ARG B 292 -2.95 24.66 17.44
CA ARG B 292 -3.01 23.46 18.27
C ARG B 292 -2.82 22.19 17.44
N ILE B 293 -3.36 22.19 16.22
CA ILE B 293 -3.20 21.07 15.30
C ILE B 293 -1.73 20.95 14.86
N ILE B 294 -1.06 22.09 14.66
CA ILE B 294 0.36 22.11 14.34
C ILE B 294 1.19 21.62 15.54
N GLU B 295 0.75 21.94 16.76
CA GLU B 295 1.41 21.41 17.96
C GLU B 295 1.26 19.89 18.08
N ILE B 296 0.07 19.38 17.76
CA ILE B 296 -0.16 17.94 17.70
C ILE B 296 0.76 17.29 16.64
N LEU B 297 0.91 17.94 15.49
CA LEU B 297 1.86 17.50 14.46
C LEU B 297 3.29 17.45 14.98
N GLN B 298 3.68 18.47 15.75
CA GLN B 298 5.01 18.53 16.36
C GLN B 298 5.31 17.27 17.18
N VAL B 299 4.35 16.86 18.01
CA VAL B 299 4.55 15.67 18.86
C VAL B 299 4.35 14.36 18.08
N PHE B 300 3.49 14.34 17.05
CA PHE B 300 3.45 13.21 16.11
C PHE B 300 4.84 12.98 15.54
N GLN B 301 5.49 14.06 15.15
CA GLN B 301 6.85 14.00 14.62
C GLN B 301 7.87 13.49 15.66
N GLU B 302 7.72 13.92 16.92
CA GLU B 302 8.56 13.43 18.03
C GLU B 302 8.41 11.92 18.25
N LEU B 303 7.20 11.41 18.04
CA LEU B 303 6.88 10.00 18.21
C LEU B 303 7.13 9.13 16.97
N ASN B 304 7.59 9.73 15.87
CA ASN B 304 7.70 9.06 14.57
C ASN B 304 6.38 8.45 14.08
N ASN B 305 5.26 9.13 14.35
CA ASN B 305 3.96 8.73 13.81
C ASN B 305 3.76 9.49 12.50
N PHE B 306 4.27 8.92 11.42
CA PHE B 306 4.23 9.57 10.12
C PHE B 306 2.84 9.53 9.50
N ASN B 307 2.07 8.49 9.80
CA ASN B 307 0.65 8.48 9.47
C ASN B 307 -0.05 9.69 10.10
N GLY B 308 0.24 9.94 11.38
CA GLY B 308 -0.27 11.09 12.09
C GLY B 308 0.17 12.40 11.47
N VAL B 309 1.47 12.49 11.14
CA VAL B 309 2.00 13.67 10.48
C VAL B 309 1.21 13.98 9.19
N LEU B 310 0.99 12.97 8.37
CA LEU B 310 0.29 13.15 7.09
C LEU B 310 -1.23 13.37 7.21
N GLU B 311 -1.86 12.90 8.29
CA GLU B 311 -3.25 13.28 8.62
C GLU B 311 -3.41 14.79 8.68
N VAL B 312 -2.46 15.43 9.36
CA VAL B 312 -2.46 16.87 9.57
C VAL B 312 -2.13 17.58 8.27
N VAL B 313 -1.06 17.14 7.61
CA VAL B 313 -0.61 17.76 6.36
C VAL B 313 -1.73 17.68 5.29
N SER B 314 -2.42 16.55 5.22
CA SER B 314 -3.55 16.37 4.29
C SER B 314 -4.71 17.32 4.59
N ALA B 315 -5.05 17.47 5.87
CA ALA B 315 -6.03 18.47 6.32
C ALA B 315 -5.62 19.88 5.95
N MET B 316 -4.34 20.21 6.16
CA MET B 316 -3.85 21.55 5.89
C MET B 316 -3.81 21.88 4.39
N ASN B 317 -3.55 20.89 3.56
CA ASN B 317 -3.59 21.04 2.08
C ASN B 317 -4.97 20.78 1.45
N SER B 318 -5.96 20.39 2.24
CA SER B 318 -7.33 20.27 1.73
C SER B 318 -7.83 21.62 1.23
N SER B 319 -8.69 21.59 0.22
CA SER B 319 -9.16 22.82 -0.41
C SER B 319 -9.98 23.78 0.50
N PRO B 320 -10.70 23.25 1.51
CA PRO B 320 -11.33 24.15 2.49
C PRO B 320 -10.36 24.90 3.42
N VAL B 321 -9.23 24.28 3.79
CA VAL B 321 -8.28 24.87 4.74
C VAL B 321 -7.17 25.68 4.05
N TYR B 322 -6.59 25.11 2.99
CA TYR B 322 -5.49 25.71 2.22
C TYR B 322 -5.72 27.18 1.81
N ARG B 323 -6.95 27.51 1.45
CA ARG B 323 -7.31 28.87 1.01
C ARG B 323 -7.46 29.92 2.14
N LEU B 324 -7.41 29.50 3.40
CA LEU B 324 -7.63 30.42 4.53
C LEU B 324 -6.39 31.28 4.84
N ASP B 325 -6.07 32.19 3.93
CA ASP B 325 -4.86 33.02 4.02
C ASP B 325 -4.85 33.93 5.25
N HIS B 326 -6.02 34.41 5.68
CA HIS B 326 -6.12 35.26 6.88
C HIS B 326 -5.80 34.49 8.17
N THR B 327 -6.10 33.20 8.18
CA THR B 327 -5.80 32.35 9.34
C THR B 327 -4.30 32.07 9.42
N PHE B 328 -3.73 31.58 8.32
CA PHE B 328 -2.30 31.26 8.28
C PHE B 328 -1.38 32.47 8.42
N GLU B 329 -1.88 33.67 8.12
CA GLU B 329 -1.16 34.93 8.37
C GLU B 329 -0.80 35.09 9.86
N GLN B 330 -1.75 34.81 10.75
CA GLN B 330 -1.58 35.01 12.20
C GLN B 330 -0.95 33.82 12.95
N ILE B 331 -0.62 32.75 12.24
CA ILE B 331 0.07 31.58 12.82
C ILE B 331 1.50 32.02 13.15
N PRO B 332 1.97 31.76 14.40
CA PRO B 332 3.35 32.13 14.77
C PRO B 332 4.37 31.52 13.81
N SER B 333 5.44 32.27 13.52
CA SER B 333 6.45 31.88 12.54
C SER B 333 7.07 30.50 12.81
N ARG B 334 7.25 30.16 14.08
CA ARG B 334 7.83 28.88 14.49
C ARG B 334 6.97 27.71 13.98
N GLN B 335 5.66 27.87 14.09
CA GLN B 335 4.72 26.81 13.74
C GLN B 335 4.48 26.72 12.23
N LYS B 336 4.57 27.85 11.52
CA LYS B 336 4.63 27.84 10.06
C LYS B 336 5.74 26.92 9.55
N LYS B 337 6.93 27.09 10.12
CA LYS B 337 8.11 26.29 9.71
C LYS B 337 7.99 24.80 10.06
N ILE B 338 7.37 24.49 11.21
CA ILE B 338 7.03 23.11 11.56
C ILE B 338 6.13 22.50 10.49
N LEU B 339 5.08 23.23 10.12
CA LEU B 339 4.13 22.77 9.11
C LEU B 339 4.81 22.64 7.75
N GLU B 340 5.54 23.67 7.36
CA GLU B 340 6.23 23.70 6.06
C GLU B 340 7.22 22.54 5.93
N GLU B 341 7.98 22.28 7.00
CA GLU B 341 8.89 21.15 7.07
C GLU B 341 8.17 19.81 6.85
N ALA B 342 7.00 19.66 7.49
CA ALA B 342 6.19 18.46 7.37
C ALA B 342 5.61 18.30 5.97
N HIS B 343 5.18 19.42 5.38
CA HIS B 343 4.70 19.44 4.01
C HIS B 343 5.78 18.96 3.03
N GLU B 344 7.03 19.38 3.25
CA GLU B 344 8.15 19.03 2.38
C GLU B 344 8.48 17.54 2.34
N LEU B 345 8.09 16.79 3.39
CA LEU B 345 8.22 15.32 3.39
C LEU B 345 7.53 14.69 2.17
N SER B 346 6.31 15.16 1.87
CA SER B 346 5.52 14.59 0.77
C SER B 346 6.03 15.00 -0.61
N GLU B 347 6.67 16.16 -0.71
CA GLU B 347 7.18 16.70 -2.00
C GLU B 347 8.16 15.76 -2.71
N ASP B 348 8.25 15.94 -4.04
CA ASP B 348 9.12 15.16 -4.91
C ASP B 348 8.94 13.65 -4.70
N HIS B 349 7.68 13.21 -4.74
CA HIS B 349 7.31 11.80 -4.58
C HIS B 349 7.86 11.18 -3.28
N TYR B 350 7.62 11.89 -2.18
CA TYR B 350 8.01 11.45 -0.82
C TYR B 350 9.53 11.28 -0.59
N LYS B 351 10.35 12.03 -1.34
CA LYS B 351 11.82 11.94 -1.25
C LYS B 351 12.33 12.08 0.19
N LYS B 352 11.95 13.17 0.85
CA LYS B 352 12.34 13.41 2.24
C LYS B 352 11.70 12.40 3.21
N TYR B 353 10.44 12.01 2.99
CA TYR B 353 9.82 11.00 3.86
C TYR B 353 10.57 9.68 3.78
N LEU B 354 10.81 9.22 2.56
CA LEU B 354 11.51 7.95 2.33
C LEU B 354 12.86 7.89 3.06
N ALA B 355 13.68 8.92 2.88
CA ALA B 355 14.97 9.05 3.58
C ALA B 355 14.83 9.08 5.10
N LYS B 356 13.88 9.87 5.59
CA LYS B 356 13.69 10.02 7.04
C LYS B 356 13.24 8.71 7.71
N LEU B 357 12.34 7.98 7.06
CA LEU B 357 11.89 6.66 7.55
C LEU B 357 13.02 5.63 7.62
N ARG B 358 13.91 5.66 6.63
CA ARG B 358 15.01 4.68 6.54
C ARG B 358 16.06 4.86 7.64
N SER B 359 16.21 6.10 8.14
CA SER B 359 17.23 6.45 9.14
C SER B 359 16.76 6.25 10.58
N ILE B 360 15.49 6.59 10.84
CA ILE B 360 14.92 6.44 12.20
C ILE B 360 14.74 4.97 12.58
N ASN B 361 14.62 4.75 13.88
CA ASN B 361 14.48 3.41 14.46
C ASN B 361 13.15 3.29 15.23
N PRO B 362 12.60 2.05 15.33
CA PRO B 362 11.34 1.83 16.06
C PRO B 362 11.34 2.35 17.52
N PRO B 363 10.16 2.60 18.11
CA PRO B 363 8.85 2.42 17.47
C PRO B 363 8.53 3.55 16.50
N CYS B 364 7.75 3.24 15.48
CA CYS B 364 7.23 4.24 14.55
C CYS B 364 5.94 3.74 13.91
N VAL B 365 5.19 4.66 13.33
CA VAL B 365 3.98 4.34 12.56
C VAL B 365 4.16 4.92 11.15
N PRO B 366 4.57 4.09 10.18
CA PRO B 366 4.76 4.64 8.84
C PRO B 366 3.46 4.88 8.09
N PHE B 367 3.57 5.64 7.00
CA PHE B 367 2.45 5.92 6.12
C PHE B 367 2.28 4.76 5.16
N PHE B 368 1.12 4.13 5.16
CA PHE B 368 0.92 2.88 4.42
C PHE B 368 0.79 3.10 2.91
N GLY B 369 0.28 4.26 2.50
CA GLY B 369 -0.05 4.54 1.10
C GLY B 369 1.03 4.26 0.09
N ILE B 370 2.28 4.55 0.47
CA ILE B 370 3.43 4.32 -0.40
C ILE B 370 3.63 2.82 -0.67
N TYR B 371 3.50 2.01 0.38
CA TYR B 371 3.58 0.55 0.23
C TYR B 371 2.45 0.01 -0.66
N LEU B 372 1.27 0.59 -0.54
CA LEU B 372 0.13 0.17 -1.35
C LEU B 372 0.40 0.40 -2.83
N THR B 373 0.82 1.61 -3.19
CA THR B 373 1.15 1.94 -4.57
C THR B 373 2.26 1.07 -5.14
N ASN B 374 3.32 0.86 -4.36
CA ASN B 374 4.48 0.08 -4.81
C ASN B 374 4.17 -1.40 -5.06
N ILE B 375 3.35 -2.00 -4.20
CA ILE B 375 2.87 -3.37 -4.42
C ILE B 375 2.00 -3.45 -5.67
N LEU B 376 1.06 -2.50 -5.81
CA LEU B 376 0.18 -2.48 -6.97
C LEU B 376 0.94 -2.36 -8.28
N LYS B 377 1.84 -1.37 -8.32
CA LYS B 377 2.66 -1.13 -9.53
C LYS B 377 3.62 -2.27 -9.85
N THR B 378 4.14 -2.94 -8.83
CA THR B 378 5.00 -4.11 -9.01
C THR B 378 4.25 -5.25 -9.67
N GLU B 379 3.05 -5.52 -9.15
CA GLU B 379 2.20 -6.59 -9.70
C GLU B 379 1.62 -6.24 -11.07
N GLU B 380 1.28 -4.98 -11.29
CA GLU B 380 0.74 -4.52 -12.57
C GLU B 380 1.84 -4.38 -13.65
N GLY B 381 3.03 -3.94 -13.25
CA GLY B 381 4.11 -3.64 -14.19
C GLY B 381 5.05 -4.78 -14.56
N ASN B 382 4.81 -5.97 -14.05
CA ASN B 382 5.61 -7.16 -14.39
C ASN B 382 4.69 -8.32 -14.76
N PRO B 383 5.12 -9.18 -15.71
CA PRO B 383 4.25 -10.25 -16.16
C PRO B 383 4.19 -11.40 -15.16
N GLU B 384 3.04 -12.07 -15.10
CA GLU B 384 2.86 -13.24 -14.24
C GLU B 384 3.77 -14.39 -14.70
N VAL B 385 3.94 -14.53 -16.01
CA VAL B 385 4.80 -15.58 -16.59
C VAL B 385 5.85 -15.03 -17.55
N LEU B 386 6.96 -15.76 -17.66
CA LEU B 386 7.96 -15.53 -18.69
C LEU B 386 7.88 -16.74 -19.59
N LYS B 387 8.26 -16.57 -20.85
CA LYS B 387 8.25 -17.66 -21.81
C LYS B 387 9.66 -17.88 -22.34
N ARG B 388 10.10 -19.14 -22.36
CA ARG B 388 11.42 -19.54 -22.83
C ARG B 388 11.28 -20.80 -23.68
N HIS B 389 11.79 -20.75 -24.91
CA HIS B 389 11.68 -21.85 -25.87
C HIS B 389 10.24 -22.40 -26.00
N GLY B 390 9.26 -21.50 -26.00
CA GLY B 390 7.85 -21.86 -26.09
C GLY B 390 7.17 -22.32 -24.80
N LYS B 391 7.96 -22.62 -23.76
CA LYS B 391 7.43 -23.12 -22.48
C LYS B 391 7.20 -21.98 -21.51
N GLU B 392 6.22 -22.16 -20.63
CA GLU B 392 5.72 -21.11 -19.75
C GLU B 392 6.28 -21.26 -18.33
N LEU B 393 7.06 -20.27 -17.89
CA LEU B 393 7.67 -20.26 -16.54
C LEU B 393 7.00 -19.22 -15.67
N ILE B 394 6.80 -19.56 -14.39
CA ILE B 394 6.23 -18.64 -13.42
C ILE B 394 7.28 -17.59 -13.06
N ASN B 395 6.93 -16.31 -13.20
CA ASN B 395 7.86 -15.22 -12.90
C ASN B 395 7.95 -15.04 -11.39
N PHE B 396 8.96 -15.66 -10.78
CA PHE B 396 9.12 -15.60 -9.33
C PHE B 396 9.72 -14.29 -8.82
N SER B 397 10.57 -13.64 -9.60
CA SER B 397 11.21 -12.39 -9.18
C SER B 397 10.21 -11.26 -8.90
N LYS B 398 9.12 -11.26 -9.65
CA LYS B 398 7.98 -10.39 -9.38
C LYS B 398 7.47 -10.56 -7.96
N ARG B 399 7.27 -11.82 -7.57
CA ARG B 399 6.74 -12.15 -6.23
C ARG B 399 7.73 -11.81 -5.12
N ARG B 400 9.02 -12.04 -5.36
CA ARG B 400 10.07 -11.63 -4.42
C ARG B 400 10.00 -10.14 -4.12
N LYS B 401 9.77 -9.32 -5.15
CA LYS B 401 9.70 -7.87 -4.98
C LYS B 401 8.50 -7.43 -4.14
N VAL B 402 7.37 -8.12 -4.31
CA VAL B 402 6.18 -7.88 -3.46
C VAL B 402 6.46 -8.32 -2.02
N ALA B 403 7.10 -9.48 -1.87
CA ALA B 403 7.47 -10.03 -0.57
C ALA B 403 8.51 -9.18 0.18
N GLU B 404 9.39 -8.51 -0.56
CA GLU B 404 10.32 -7.54 0.04
C GLU B 404 9.58 -6.32 0.63
N ILE B 405 8.54 -5.85 -0.04
CA ILE B 405 7.74 -4.72 0.44
C ILE B 405 6.93 -5.13 1.67
N THR B 406 6.26 -6.28 1.62
CA THR B 406 5.51 -6.76 2.79
C THR B 406 6.43 -7.09 3.95
N GLY B 407 7.67 -7.51 3.66
CA GLY B 407 8.69 -7.70 4.68
C GLY B 407 9.08 -6.39 5.37
N GLU B 408 9.27 -5.33 4.58
CA GLU B 408 9.55 -3.99 5.12
C GLU B 408 8.41 -3.45 6.00
N ILE B 409 7.16 -3.75 5.63
CA ILE B 409 5.99 -3.38 6.41
C ILE B 409 6.05 -4.06 7.77
N GLN B 410 6.33 -5.37 7.76
CA GLN B 410 6.41 -6.18 8.98
C GLN B 410 7.53 -5.77 9.95
N GLN B 411 8.64 -5.24 9.44
CA GLN B 411 9.77 -4.88 10.32
C GLN B 411 9.42 -3.77 11.31
N TYR B 412 8.49 -2.89 10.94
CA TYR B 412 7.99 -1.83 11.84
C TYR B 412 6.75 -2.21 12.66
N GLN B 413 6.30 -3.46 12.59
CA GLN B 413 5.15 -3.95 13.38
C GLN B 413 5.51 -4.59 14.73
N ASN B 414 6.80 -4.83 14.98
CA ASN B 414 7.24 -5.62 16.13
C ASN B 414 7.38 -4.81 17.41
N GLN B 415 7.85 -3.56 17.30
CA GLN B 415 8.16 -2.71 18.44
C GLN B 415 6.97 -1.82 18.87
N PRO B 416 6.44 -2.01 20.08
CA PRO B 416 5.35 -1.17 20.57
C PRO B 416 5.85 0.15 21.19
N TYR B 417 4.91 1.06 21.46
CA TYR B 417 5.21 2.35 22.09
C TYR B 417 5.18 2.26 23.59
N CYS B 418 6.15 2.91 24.25
CA CYS B 418 6.15 3.01 25.71
C CYS B 418 5.30 4.22 26.11
N LEU B 419 3.97 4.02 26.03
CA LEU B 419 2.98 5.05 26.36
C LEU B 419 1.76 4.39 27.00
N ARG B 420 1.24 4.99 28.07
CA ARG B 420 0.04 4.48 28.71
C ARG B 420 -1.23 4.86 27.92
N VAL B 421 -2.09 3.88 27.70
CA VAL B 421 -3.43 4.10 27.14
C VAL B 421 -4.30 4.83 28.19
N GLU B 422 -5.04 5.83 27.73
CA GLU B 422 -6.06 6.48 28.54
C GLU B 422 -7.37 6.11 27.84
N SER B 423 -8.13 5.23 28.47
CA SER B 423 -9.26 4.57 27.80
C SER B 423 -10.40 5.51 27.40
N ASP B 424 -10.61 6.61 28.13
CA ASP B 424 -11.64 7.61 27.75
C ASP B 424 -11.23 8.46 26.54
N ILE B 425 -9.96 8.84 26.48
CA ILE B 425 -9.43 9.60 25.33
C ILE B 425 -9.39 8.70 24.10
N LYS B 426 -8.99 7.44 24.30
CA LYS B 426 -9.03 6.42 23.26
C LYS B 426 -10.44 6.31 22.66
N ARG B 427 -11.42 6.09 23.53
CA ARG B 427 -12.84 5.97 23.15
C ARG B 427 -13.29 7.15 22.28
N PHE B 428 -12.98 8.36 22.76
CA PHE B 428 -13.32 9.60 22.08
C PHE B 428 -12.87 9.62 20.61
N PHE B 429 -11.60 9.28 20.36
CA PHE B 429 -11.05 9.28 19.00
C PHE B 429 -11.49 8.07 18.16
N GLU B 430 -11.76 6.95 18.81
CA GLU B 430 -12.35 5.78 18.13
C GLU B 430 -13.75 6.08 17.59
N ASN B 431 -14.57 6.70 18.44
CA ASN B 431 -15.98 7.00 18.12
C ASN B 431 -16.17 8.32 17.38
N LEU B 432 -15.06 8.97 16.99
CA LEU B 432 -15.10 10.21 16.23
C LEU B 432 -15.82 9.98 14.90
N ASN B 433 -16.70 10.90 14.51
CA ASN B 433 -17.52 10.77 13.30
C ASN B 433 -17.90 12.14 12.72
N PRO B 434 -16.92 12.84 12.11
CA PRO B 434 -17.16 14.21 11.61
C PRO B 434 -18.11 14.31 10.42
N MET B 435 -18.15 13.29 9.58
CA MET B 435 -19.11 13.24 8.47
C MET B 435 -20.56 13.11 8.95
N GLY B 436 -20.78 12.41 10.06
CA GLY B 436 -22.14 12.11 10.53
C GLY B 436 -22.84 11.15 9.59
N ASN B 437 -24.08 11.46 9.25
CA ASN B 437 -24.85 10.68 8.27
C ASN B 437 -24.67 11.13 6.81
N SER B 438 -23.83 12.15 6.58
CA SER B 438 -23.64 12.71 5.24
C SER B 438 -22.70 11.85 4.39
N MET B 439 -22.93 11.86 3.08
CA MET B 439 -22.03 11.20 2.14
C MET B 439 -20.82 12.10 1.91
N GLU B 440 -19.79 11.53 1.29
CA GLU B 440 -18.50 12.19 1.11
C GLU B 440 -18.61 13.54 0.39
N LYS B 441 -19.21 13.53 -0.80
CA LYS B 441 -19.40 14.72 -1.64
C LYS B 441 -20.15 15.81 -0.88
N GLU B 442 -21.28 15.43 -0.29
CA GLU B 442 -22.12 16.31 0.53
C GLU B 442 -21.32 17.00 1.66
N PHE B 443 -20.49 16.22 2.37
CA PHE B 443 -19.70 16.73 3.50
C PHE B 443 -18.53 17.62 3.08
N THR B 444 -17.78 17.22 2.04
CA THR B 444 -16.66 18.03 1.58
C THR B 444 -17.15 19.34 0.93
N ASP B 445 -18.31 19.31 0.28
CA ASP B 445 -19.00 20.53 -0.17
C ASP B 445 -19.40 21.42 1.01
N TYR B 446 -19.91 20.82 2.08
CA TYR B 446 -20.27 21.57 3.29
C TYR B 446 -19.04 22.26 3.89
N LEU B 447 -17.93 21.54 4.01
CA LEU B 447 -16.69 22.11 4.53
C LEU B 447 -16.18 23.27 3.66
N PHE B 448 -16.26 23.11 2.34
CA PHE B 448 -15.78 24.14 1.41
C PHE B 448 -16.70 25.37 1.40
N ASN B 449 -18.01 25.15 1.49
CA ASN B 449 -18.96 26.28 1.62
C ASN B 449 -18.76 27.03 2.94
N LYS B 450 -18.46 26.29 4.01
CA LYS B 450 -18.09 26.90 5.28
C LYS B 450 -16.82 27.76 5.14
N SER B 451 -15.82 27.24 4.42
CA SER B 451 -14.60 27.98 4.14
C SER B 451 -14.87 29.31 3.42
N LEU B 452 -15.76 29.27 2.43
CA LEU B 452 -16.16 30.50 1.71
C LEU B 452 -16.94 31.48 2.60
N GLU B 453 -17.71 30.98 3.55
CA GLU B 453 -18.47 31.83 4.47
C GLU B 453 -17.53 32.61 5.40
N ILE B 454 -16.62 31.89 6.06
CA ILE B 454 -15.73 32.47 7.09
C ILE B 454 -14.60 33.35 6.52
N GLU B 455 -14.12 33.02 5.31
CA GLU B 455 -13.14 33.85 4.61
C GLU B 455 -13.53 33.93 3.13
N PRO B 456 -14.44 34.86 2.78
CA PRO B 456 -14.91 34.98 1.40
C PRO B 456 -13.82 35.25 0.38
N ARG B 457 -14.16 34.97 -0.87
CA ARG B 457 -13.27 35.15 -2.01
C ARG B 457 -13.10 36.66 -2.27
N ASN B 458 -11.91 37.08 -2.67
CA ASN B 458 -11.68 38.48 -3.01
C ASN B 458 -12.52 38.86 -4.23
N PRO B 459 -13.03 40.09 -4.31
CA PRO B 459 -12.70 41.20 -3.42
C PRO B 459 -13.63 41.38 -2.19
N LYS B 460 -14.48 40.39 -1.87
CA LYS B 460 -15.45 40.55 -0.77
C LYS B 460 -14.74 40.81 0.56
N PRO B 461 -15.30 41.72 1.40
CA PRO B 461 -14.65 42.05 2.68
C PRO B 461 -14.74 40.90 3.67
N LEU B 462 -13.81 40.87 4.62
CA LEU B 462 -13.75 39.80 5.63
C LEU B 462 -14.76 40.10 6.74
N PRO B 463 -15.76 39.20 6.94
CA PRO B 463 -16.71 39.47 8.02
C PRO B 463 -16.14 39.15 9.40
N ARG B 464 -16.83 39.62 10.44
CA ARG B 464 -16.53 39.23 11.81
C ARG B 464 -17.54 38.19 12.27
N PHE B 465 -17.10 37.28 13.12
CA PHE B 465 -17.94 36.23 13.68
C PHE B 465 -17.74 36.17 15.19
N PRO B 466 -18.81 35.86 15.95
CA PRO B 466 -18.70 35.79 17.41
C PRO B 466 -17.94 34.55 17.88
N LYS B 467 -17.45 34.60 19.12
CA LYS B 467 -16.70 33.50 19.74
C LYS B 467 -17.64 32.35 20.12
N LYS B 468 -17.14 31.11 19.96
CA LYS B 468 -17.85 29.90 20.36
C LYS B 468 -17.24 29.17 21.58
N TYR B 469 -16.01 29.51 21.97
CA TYR B 469 -15.33 28.86 23.10
C TYR B 469 -15.32 29.78 24.32
N SER B 470 -15.95 29.31 25.40
CA SER B 470 -16.02 30.04 26.68
C SER B 470 -14.83 29.76 27.60
N TYR B 471 -13.97 28.80 27.23
CA TYR B 471 -12.74 28.48 27.97
C TYR B 471 -11.52 29.19 27.32
N PRO B 472 -10.35 29.21 28.01
CA PRO B 472 -9.19 29.91 27.44
C PRO B 472 -8.58 29.20 26.22
N LEU B 473 -8.13 29.99 25.25
CA LEU B 473 -7.54 29.47 24.00
C LEU B 473 -6.04 29.17 24.09
N LYS B 474 -5.39 29.60 25.18
CA LYS B 474 -3.93 29.49 25.30
C LYS B 474 -3.54 28.03 25.46
N SER B 475 -2.59 27.60 24.63
CA SER B 475 -2.08 26.23 24.66
C SER B 475 -1.15 26.05 25.87
N PRO B 476 -1.15 24.84 26.47
CA PRO B 476 -0.14 24.51 27.49
C PRO B 476 1.21 24.09 26.90
N GLY B 477 1.34 24.06 25.57
CA GLY B 477 2.61 23.71 24.94
C GLY B 477 2.79 22.21 24.83
N VAL B 478 3.95 21.82 24.29
CA VAL B 478 4.24 20.44 23.89
C VAL B 478 5.35 19.82 24.76
N ARG B 479 5.63 20.44 25.91
CA ARG B 479 6.65 19.99 26.84
C ARG B 479 5.97 19.39 28.07
N PRO B 480 6.38 18.16 28.50
CA PRO B 480 5.84 17.53 29.71
C PRO B 480 5.80 18.43 30.95
N SER B 481 4.70 18.37 31.68
CA SER B 481 4.43 19.27 32.80
C SER B 481 5.24 18.93 34.04
N ASN B 482 5.45 17.63 34.27
CA ASN B 482 6.24 17.13 35.40
C ASN B 482 7.47 16.35 34.91
N PRO B 483 8.49 16.16 35.78
CA PRO B 483 9.70 15.42 35.41
C PRO B 483 9.68 13.92 35.77
N ARG B 484 9.79 13.05 34.75
CA ARG B 484 10.06 11.60 34.95
C ARG B 484 10.10 10.82 33.62
C1 GOL C . 17.13 -2.19 -1.37
O1 GOL C . 17.40 -3.40 -0.66
C2 GOL C . 15.71 -2.22 -1.94
O2 GOL C . 14.79 -1.68 -0.97
C3 GOL C . 15.65 -1.40 -3.22
O3 GOL C . 14.28 -1.20 -3.64
#